data_6PDK
#
_entry.id   6PDK
#
_cell.length_a   67.532
_cell.length_b   67.532
_cell.length_c   149.386
_cell.angle_alpha   90.000
_cell.angle_beta   90.000
_cell.angle_gamma   120.000
#
_symmetry.space_group_name_H-M   'H 3'
#
loop_
_entity.id
_entity.type
_entity.pdbx_description
1 polymer 'Uncharacterized protein'
2 non-polymer 'CHLORIDE ION'
3 non-polymer 'BROMIDE ION'
4 water water
#
_entity_poly.entity_id   1
_entity_poly.type   'polypeptide(L)'
_entity_poly.pdbx_seq_one_letter_code
;MGSSHHHHHHSSGLVPRGSHMATQTGRTINGHTYTDAPVDVKLGPNTFRIPANYLDSQIAPWPGEGVTLVIEWPDMKPTA
PGARANPRTNDFRKEIPIRINYVDRVPVETLLSRLSSNEAITEEGSVERGDPRDRLDQRVAKPQTLGLTPYAIDEAKMVV
YAKKYEARYGKPPVRNPAYERDWYIARQGDGRISSFIKCDGEEFRRDGVRLEGREVISEPGEVAAGCVHYFVDIDNKLSV
SLDYKRAFLKDWKRMEEAVRDVIARTRSK
;
_entity_poly.pdbx_strand_id   A
#
# COMPACT_ATOMS: atom_id res chain seq x y z
N ALA A 22 8.43 16.77 -21.79
CA ALA A 22 9.89 16.84 -21.94
C ALA A 22 10.45 18.19 -21.48
N THR A 23 9.88 18.75 -20.42
CA THR A 23 10.24 20.10 -20.02
C THR A 23 11.44 20.16 -19.09
N GLN A 24 11.45 19.36 -18.01
CA GLN A 24 12.43 19.55 -16.94
C GLN A 24 13.53 18.50 -16.97
N THR A 25 14.71 18.93 -16.55
CA THR A 25 15.94 18.15 -16.74
C THR A 25 16.69 18.07 -15.42
N GLY A 26 17.14 16.88 -15.07
CA GLY A 26 17.96 16.72 -13.89
C GLY A 26 19.37 16.35 -14.28
N ARG A 27 20.03 15.55 -13.45
CA ARG A 27 21.41 15.21 -13.70
C ARG A 27 21.55 14.29 -14.92
N THR A 28 22.78 14.20 -15.41
CA THR A 28 23.19 13.21 -16.39
C THR A 28 24.15 12.26 -15.69
N ILE A 29 23.80 10.99 -15.62
CA ILE A 29 24.58 10.01 -14.89
C ILE A 29 24.82 8.82 -15.81
N ASN A 30 26.08 8.39 -15.92
CA ASN A 30 26.46 7.27 -16.77
C ASN A 30 25.90 7.44 -18.18
N GLY A 31 25.84 8.68 -18.65
CA GLY A 31 25.40 8.97 -19.99
C GLY A 31 23.92 9.28 -20.14
N HIS A 32 23.10 8.94 -19.16
CA HIS A 32 21.67 9.16 -19.27
C HIS A 32 21.29 10.50 -18.66
N THR A 33 20.66 11.35 -19.45
CA THR A 33 20.11 12.60 -18.94
C THR A 33 18.68 12.36 -18.48
N TYR A 34 18.43 12.59 -17.18
CA TYR A 34 17.10 12.33 -16.63
C TYR A 34 16.17 13.50 -16.93
N THR A 35 14.95 13.20 -17.34
CA THR A 35 13.96 14.22 -17.61
C THR A 35 12.60 13.75 -17.12
N ASP A 36 11.62 14.63 -17.19
CA ASP A 36 10.23 14.27 -16.90
C ASP A 36 9.42 13.98 -18.15
N ALA A 37 10.08 13.74 -19.28
CA ALA A 37 9.37 13.42 -20.51
C ALA A 37 8.51 12.17 -20.31
N PRO A 38 7.30 12.15 -20.87
CA PRO A 38 6.43 10.98 -20.72
C PRO A 38 7.03 9.73 -21.34
N VAL A 39 6.77 8.61 -20.69
CA VAL A 39 7.17 7.30 -21.21
C VAL A 39 5.92 6.45 -21.31
N ASP A 40 5.76 5.75 -22.43
CA ASP A 40 4.61 4.88 -22.64
C ASP A 40 4.68 3.67 -21.73
N VAL A 41 3.64 3.47 -20.91
CA VAL A 41 3.61 2.37 -19.97
C VAL A 41 2.33 1.58 -20.25
N LYS A 42 2.49 0.29 -20.55
CA LYS A 42 1.33 -0.60 -20.77
C LYS A 42 0.86 -1.18 -19.46
N LEU A 43 -0.46 -1.07 -19.21
CA LEU A 43 -1.13 -1.79 -18.14
C LEU A 43 -2.40 -2.37 -18.74
N GLY A 44 -2.41 -3.69 -18.91
CA GLY A 44 -3.44 -4.32 -19.70
C GLY A 44 -3.42 -3.74 -21.11
N PRO A 45 -4.59 -3.57 -21.71
CA PRO A 45 -4.64 -2.98 -23.06
C PRO A 45 -4.40 -1.48 -23.08
N ASN A 46 -4.35 -0.81 -21.94
CA ASN A 46 -4.24 0.64 -21.89
C ASN A 46 -2.78 1.10 -21.91
N THR A 47 -2.56 2.29 -22.46
CA THR A 47 -1.25 2.91 -22.49
C THR A 47 -1.30 4.18 -21.65
N PHE A 48 -0.39 4.30 -20.71
CA PHE A 48 -0.29 5.47 -19.86
C PHE A 48 1.05 6.16 -20.18
N ARG A 49 0.97 7.44 -20.57
CA ARG A 49 2.13 8.28 -20.87
C ARG A 49 2.57 8.95 -19.57
N ILE A 50 3.42 8.28 -18.82
CA ILE A 50 3.77 8.70 -17.47
C ILE A 50 5.08 9.46 -17.50
N PRO A 51 5.15 10.69 -17.00
CA PRO A 51 6.44 11.38 -16.83
C PRO A 51 7.45 10.47 -16.17
N ALA A 52 8.58 10.28 -16.86
CA ALA A 52 9.60 9.32 -16.44
C ALA A 52 9.97 9.47 -14.97
N ASN A 53 9.89 10.67 -14.41
CA ASN A 53 10.41 10.80 -13.05
C ASN A 53 9.48 10.20 -12.01
N TYR A 54 8.22 9.90 -12.37
CA TYR A 54 7.38 9.08 -11.51
C TYR A 54 7.94 7.68 -11.32
N LEU A 55 8.58 7.12 -12.34
CA LEU A 55 8.96 5.71 -12.27
C LEU A 55 10.02 5.48 -11.20
N ASP A 56 9.99 4.29 -10.59
CA ASP A 56 11.04 3.95 -9.61
C ASP A 56 12.44 4.15 -10.18
N SER A 57 12.69 3.67 -11.41
CA SER A 57 13.99 3.86 -12.03
C SER A 57 14.20 5.27 -12.54
N GLN A 58 13.12 6.04 -12.71
CA GLN A 58 13.11 7.36 -13.33
C GLN A 58 13.53 7.34 -14.79
N ILE A 59 13.49 6.18 -15.45
CA ILE A 59 13.82 6.05 -16.86
C ILE A 59 12.71 5.31 -17.60
N ALA A 60 12.57 4.02 -17.32
CA ALA A 60 11.61 3.14 -17.97
C ALA A 60 11.16 2.08 -16.98
N PRO A 61 10.01 1.46 -17.21
CA PRO A 61 9.55 0.39 -16.29
C PRO A 61 10.52 -0.76 -16.21
N TRP A 62 10.71 -1.29 -15.01
CA TRP A 62 11.49 -2.52 -14.88
C TRP A 62 10.82 -3.62 -15.70
N PRO A 63 11.58 -4.61 -16.18
CA PRO A 63 10.93 -5.71 -16.90
C PRO A 63 9.96 -6.43 -15.97
N GLY A 64 8.88 -6.92 -16.55
CA GLY A 64 7.81 -7.55 -15.79
C GLY A 64 6.49 -6.84 -16.00
N GLU A 65 5.43 -7.46 -15.47
CA GLU A 65 4.09 -6.87 -15.47
CA GLU A 65 4.16 -6.79 -15.56
C GLU A 65 4.00 -5.79 -14.41
N GLY A 66 3.19 -4.76 -14.67
CA GLY A 66 2.97 -3.72 -13.70
C GLY A 66 4.02 -2.65 -13.78
N VAL A 67 3.88 -1.65 -12.91
CA VAL A 67 4.88 -0.60 -12.83
C VAL A 67 4.94 -0.14 -11.39
N THR A 68 6.11 0.37 -10.99
CA THR A 68 6.24 0.99 -9.68
C THR A 68 6.45 2.48 -9.87
N LEU A 69 5.57 3.28 -9.30
CA LEU A 69 5.81 4.71 -9.22
C LEU A 69 6.24 5.09 -7.81
N VAL A 70 6.76 6.30 -7.67
CA VAL A 70 7.13 6.82 -6.37
C VAL A 70 6.61 8.26 -6.29
N ILE A 71 5.95 8.58 -5.18
CA ILE A 71 5.58 9.95 -4.85
C ILE A 71 6.19 10.25 -3.50
N GLU A 72 6.27 11.54 -3.16
CA GLU A 72 7.00 11.99 -1.99
C GLU A 72 6.07 12.70 -1.02
N TRP A 73 6.10 12.25 0.22
CA TRP A 73 5.41 12.96 1.28
C TRP A 73 6.11 14.30 1.48
N PRO A 74 5.37 15.39 1.77
CA PRO A 74 3.93 15.52 2.05
C PRO A 74 3.06 16.01 0.91
N ASP A 75 3.64 16.40 -0.21
CA ASP A 75 2.83 16.98 -1.27
C ASP A 75 2.51 16.02 -2.40
N MET A 76 2.96 14.76 -2.30
CA MET A 76 2.51 13.68 -3.18
C MET A 76 2.87 13.93 -4.63
N LYS A 77 3.92 14.63 -4.83
CA LYS A 77 4.54 14.96 -6.09
C LYS A 77 5.67 13.97 -6.40
N PRO A 78 5.97 13.72 -7.67
CA PRO A 78 7.04 12.77 -7.99
C PRO A 78 8.39 13.31 -7.58
N THR A 79 9.35 12.39 -7.44
CA THR A 79 10.72 12.79 -7.20
C THR A 79 11.25 13.57 -8.42
N ALA A 80 12.01 14.63 -8.16
CA ALA A 80 12.58 15.39 -9.27
C ALA A 80 13.41 14.48 -10.17
N PRO A 81 13.45 14.77 -11.48
CA PRO A 81 14.07 13.83 -12.44
C PRO A 81 15.50 13.48 -12.08
N GLY A 82 15.77 12.18 -11.97
CA GLY A 82 17.08 11.68 -11.63
C GLY A 82 17.51 11.83 -10.19
N ALA A 83 16.75 12.57 -9.36
CA ALA A 83 17.15 12.74 -7.97
C ALA A 83 17.22 11.43 -7.20
N ARG A 84 16.49 10.37 -7.63
CA ARG A 84 16.63 9.10 -6.93
C ARG A 84 17.83 8.29 -7.41
N ALA A 85 18.42 8.63 -8.57
CA ALA A 85 19.56 7.87 -9.08
C ALA A 85 20.78 8.04 -8.17
N ASN A 86 21.54 6.98 -8.04
CA ASN A 86 22.67 6.96 -7.14
C ASN A 86 23.81 7.81 -7.69
N PRO A 87 24.40 8.74 -6.90
CA PRO A 87 24.08 9.05 -5.51
C PRO A 87 22.86 9.96 -5.40
N ARG A 88 21.85 9.52 -4.64
CA ARG A 88 20.59 10.25 -4.66
C ARG A 88 20.74 11.65 -4.09
N THR A 89 19.89 12.55 -4.58
CA THR A 89 19.83 13.90 -4.06
C THR A 89 18.52 14.22 -3.38
N ASN A 90 17.58 13.29 -3.37
CA ASN A 90 16.35 13.48 -2.60
C ASN A 90 16.47 12.80 -1.25
N ASP A 91 15.42 12.94 -0.45
CA ASP A 91 15.33 12.39 0.90
C ASP A 91 14.54 11.09 0.80
N PHE A 92 15.22 9.94 0.96
CA PHE A 92 14.56 8.66 0.74
C PHE A 92 13.47 8.39 1.75
N ARG A 93 13.51 9.07 2.89
CA ARG A 93 12.49 8.82 3.90
C ARG A 93 11.15 9.42 3.50
N LYS A 94 11.14 10.33 2.51
CA LYS A 94 9.89 10.89 2.03
C LYS A 94 9.21 10.02 0.96
N GLU A 95 9.88 8.99 0.45
CA GLU A 95 9.35 8.24 -0.67
C GLU A 95 8.19 7.34 -0.27
N ILE A 96 7.20 7.28 -1.13
CA ILE A 96 6.06 6.37 -1.01
C ILE A 96 5.98 5.56 -2.29
N PRO A 97 6.44 4.31 -2.27
CA PRO A 97 6.40 3.49 -3.49
C PRO A 97 5.00 2.96 -3.79
N ILE A 98 4.66 2.93 -5.08
CA ILE A 98 3.31 2.66 -5.56
C ILE A 98 3.41 1.56 -6.61
N ARG A 99 2.89 0.38 -6.30
CA ARG A 99 2.86 -0.73 -7.24
C ARG A 99 1.50 -0.75 -7.93
N ILE A 100 1.49 -0.59 -9.25
CA ILE A 100 0.26 -0.60 -10.02
C ILE A 100 0.27 -1.84 -10.90
N ASN A 101 -0.83 -2.61 -10.84
CA ASN A 101 -0.91 -3.87 -11.57
C ASN A 101 -2.21 -3.99 -12.33
N TYR A 102 -2.16 -4.62 -13.50
CA TYR A 102 -3.37 -4.96 -14.22
C TYR A 102 -3.94 -6.24 -13.62
N VAL A 103 -5.23 -6.22 -13.26
CA VAL A 103 -5.84 -7.29 -12.46
C VAL A 103 -6.56 -8.22 -13.43
N ASP A 104 -5.98 -9.40 -13.66
CA ASP A 104 -6.55 -10.33 -14.62
C ASP A 104 -6.49 -11.77 -14.13
N ARG A 105 -6.11 -11.98 -12.88
CA ARG A 105 -6.08 -13.30 -12.26
C ARG A 105 -7.23 -13.53 -11.29
N VAL A 106 -7.92 -12.45 -10.92
CA VAL A 106 -9.01 -12.44 -9.94
C VAL A 106 -9.97 -11.35 -10.36
N PRO A 107 -11.12 -11.21 -9.71
CA PRO A 107 -12.02 -10.08 -10.02
C PRO A 107 -11.60 -8.80 -9.30
N VAL A 108 -11.41 -7.73 -10.08
CA VAL A 108 -10.99 -6.46 -9.48
C VAL A 108 -12.08 -5.94 -8.55
N GLU A 109 -13.35 -6.21 -8.87
CA GLU A 109 -14.47 -5.72 -8.08
C GLU A 109 -14.58 -6.37 -6.71
N THR A 110 -13.89 -7.48 -6.48
CA THR A 110 -13.93 -8.11 -5.17
C THR A 110 -12.55 -8.25 -4.55
N LEU A 111 -11.54 -7.61 -5.17
CA LEU A 111 -10.17 -7.74 -4.71
C LEU A 111 -10.04 -7.27 -3.26
N LEU A 112 -10.58 -6.09 -2.95
CA LEU A 112 -10.36 -5.59 -1.60
C LEU A 112 -11.05 -6.46 -0.55
N SER A 113 -12.22 -7.02 -0.88
CA SER A 113 -12.87 -7.93 0.07
C SER A 113 -12.11 -9.24 0.20
N ARG A 114 -11.49 -9.71 -0.89
CA ARG A 114 -10.73 -10.95 -0.77
C ARG A 114 -9.41 -10.73 -0.02
N LEU A 115 -8.76 -9.56 -0.15
CA LEU A 115 -7.55 -9.29 0.63
C LEU A 115 -7.83 -9.21 2.12
N SER A 116 -9.03 -8.75 2.49
CA SER A 116 -9.41 -8.57 3.89
C SER A 116 -10.12 -9.79 4.46
N SER A 117 -9.96 -10.95 3.84
CA SER A 117 -10.45 -12.20 4.41
C SER A 117 -9.37 -13.24 4.18
N ASN A 118 -9.68 -14.52 4.46
CA ASN A 118 -8.65 -15.54 4.53
C ASN A 118 -8.93 -16.73 3.63
N GLU A 119 -9.80 -16.60 2.64
CA GLU A 119 -10.11 -17.74 1.78
C GLU A 119 -8.88 -18.24 1.04
N ALA A 120 -7.98 -17.34 0.66
CA ALA A 120 -6.82 -17.78 -0.11
C ALA A 120 -5.73 -18.40 0.77
N ILE A 121 -5.59 -17.96 2.02
CA ILE A 121 -4.45 -18.39 2.85
C ILE A 121 -4.83 -19.47 3.86
N THR A 122 -6.05 -20.01 3.79
CA THR A 122 -6.49 -21.10 4.66
C THR A 122 -7.14 -22.18 3.82
N GLU A 123 -7.02 -23.43 4.28
CA GLU A 123 -7.64 -24.53 3.57
C GLU A 123 -9.12 -24.64 3.91
N GLU A 124 -9.91 -24.94 2.87
CA GLU A 124 -11.31 -25.31 2.92
C GLU A 124 -11.62 -26.22 4.11
N GLY A 125 -12.28 -25.69 5.13
CA GLY A 125 -12.69 -26.52 6.24
C GLY A 125 -11.61 -26.89 7.22
N SER A 126 -10.45 -26.24 7.15
CA SER A 126 -9.40 -26.42 8.12
C SER A 126 -9.73 -25.66 9.40
N VAL A 127 -8.98 -25.97 10.46
CA VAL A 127 -9.11 -25.20 11.70
C VAL A 127 -8.71 -23.75 11.44
N GLU A 128 -7.72 -23.53 10.57
CA GLU A 128 -7.20 -22.18 10.35
C GLU A 128 -8.18 -21.29 9.60
N ARG A 129 -9.08 -21.87 8.80
CA ARG A 129 -10.10 -21.06 8.12
C ARG A 129 -10.98 -20.31 9.12
N GLY A 130 -11.11 -20.81 10.35
CA GLY A 130 -11.84 -20.11 11.37
C GLY A 130 -11.03 -19.08 12.14
N ASP A 131 -9.80 -18.83 11.74
CA ASP A 131 -8.98 -17.82 12.40
C ASP A 131 -9.67 -16.47 12.32
N PRO A 132 -10.01 -15.84 13.46
CA PRO A 132 -10.65 -14.52 13.41
C PRO A 132 -9.70 -13.39 13.04
N ARG A 133 -8.39 -13.62 13.11
CA ARG A 133 -7.46 -12.53 12.93
C ARG A 133 -7.43 -12.03 11.49
N ASP A 134 -7.63 -12.90 10.51
CA ASP A 134 -7.40 -12.52 9.12
C ASP A 134 -8.69 -12.41 8.32
N ARG A 135 -9.85 -12.36 8.97
CA ARG A 135 -11.14 -12.18 8.30
C ARG A 135 -11.80 -10.90 8.76
N LEU A 136 -12.18 -10.04 7.81
CA LEU A 136 -12.83 -8.79 8.18
C LEU A 136 -14.12 -9.05 8.95
N ASP A 137 -14.85 -10.09 8.58
CA ASP A 137 -16.15 -10.33 9.18
C ASP A 137 -16.06 -10.87 10.59
N GLN A 138 -14.86 -11.14 11.11
CA GLN A 138 -14.69 -11.48 12.50
C GLN A 138 -14.05 -10.36 13.30
N ARG A 139 -13.68 -9.26 12.65
CA ARG A 139 -13.06 -8.18 13.40
C ARG A 139 -14.12 -7.19 13.87
N VAL A 140 -13.72 -6.30 14.77
CA VAL A 140 -14.62 -5.39 15.47
C VAL A 140 -14.42 -3.98 14.92
N ALA A 141 -15.49 -3.40 14.37
CA ALA A 141 -15.43 -2.02 13.94
C ALA A 141 -15.21 -1.10 15.13
N LYS A 142 -14.36 -0.10 14.95
CA LYS A 142 -14.06 0.94 15.93
C LYS A 142 -14.59 2.30 15.44
N PRO A 143 -14.56 3.33 16.29
CA PRO A 143 -15.04 4.65 15.83
C PRO A 143 -14.20 5.20 14.69
N GLN A 144 -14.86 5.92 13.77
CA GLN A 144 -14.17 6.49 12.60
C GLN A 144 -13.07 7.44 13.02
N THR A 145 -11.98 7.45 12.26
CA THR A 145 -10.96 8.48 12.38
C THR A 145 -10.28 8.64 11.03
N LEU A 146 -9.98 9.88 10.66
CA LEU A 146 -9.39 10.23 9.36
C LEU A 146 -10.22 9.70 8.20
N GLY A 147 -11.51 9.48 8.42
CA GLY A 147 -12.36 8.91 7.38
C GLY A 147 -12.23 7.43 7.23
N LEU A 148 -11.65 6.74 8.20
CA LEU A 148 -11.42 5.30 8.14
C LEU A 148 -12.11 4.62 9.31
N THR A 149 -12.63 3.42 9.05
CA THR A 149 -13.14 2.56 10.09
C THR A 149 -12.04 1.59 10.53
N PRO A 150 -11.46 1.75 11.71
CA PRO A 150 -10.51 0.75 12.21
C PRO A 150 -11.21 -0.54 12.53
N TYR A 151 -10.54 -1.67 12.24
CA TYR A 151 -11.08 -2.99 12.52
C TYR A 151 -10.06 -3.76 13.34
N ALA A 152 -10.48 -4.18 14.53
CA ALA A 152 -9.62 -4.74 15.54
C ALA A 152 -9.85 -6.23 15.72
N ILE A 153 -8.81 -6.89 16.23
CA ILE A 153 -8.90 -8.30 16.55
C ILE A 153 -9.82 -8.48 17.76
N ASP A 154 -10.67 -9.49 17.67
CA ASP A 154 -11.62 -9.83 18.72
C ASP A 154 -10.99 -10.92 19.59
N GLU A 155 -10.43 -10.52 20.75
CA GLU A 155 -9.79 -11.50 21.61
C GLU A 155 -10.77 -12.56 22.11
N ALA A 156 -12.07 -12.22 22.20
CA ALA A 156 -13.01 -13.26 22.61
C ALA A 156 -13.10 -14.37 21.58
N LYS A 157 -13.06 -14.02 20.29
CA LYS A 157 -13.07 -15.03 19.26
C LYS A 157 -11.77 -15.84 19.23
N MET A 158 -10.67 -15.26 19.71
CA MET A 158 -9.42 -16.00 19.76
C MET A 158 -9.48 -17.11 20.81
N VAL A 159 -10.14 -16.83 21.93
CA VAL A 159 -10.33 -17.87 22.94
C VAL A 159 -10.98 -19.10 22.31
N VAL A 160 -12.15 -18.92 21.68
CA VAL A 160 -12.83 -20.04 21.03
C VAL A 160 -11.92 -20.69 20.00
N TYR A 161 -11.25 -19.87 19.18
CA TYR A 161 -10.35 -20.40 18.15
C TYR A 161 -9.22 -21.21 18.80
N ALA A 162 -8.53 -20.61 19.77
CA ALA A 162 -7.40 -21.27 20.40
C ALA A 162 -7.79 -22.59 21.06
N LYS A 163 -9.06 -22.74 21.45
CA LYS A 163 -9.51 -24.02 22.01
C LYS A 163 -9.56 -25.10 20.93
N LYS A 164 -10.25 -24.81 19.82
CA LYS A 164 -10.33 -25.79 18.75
C LYS A 164 -8.98 -25.98 18.08
N TYR A 165 -8.12 -24.97 18.11
CA TYR A 165 -6.77 -25.10 17.54
C TYR A 165 -5.90 -26.00 18.42
N GLU A 166 -5.92 -25.78 19.73
CA GLU A 166 -5.11 -26.60 20.64
C GLU A 166 -5.64 -28.02 20.70
N ALA A 167 -6.96 -28.19 20.83
CA ALA A 167 -7.53 -29.52 20.89
C ALA A 167 -7.23 -30.34 19.64
N ARG A 168 -6.94 -29.69 18.52
CA ARG A 168 -6.73 -30.37 17.25
C ARG A 168 -5.27 -30.51 16.87
N TYR A 169 -4.40 -29.62 17.36
CA TYR A 169 -2.97 -29.73 17.13
C TYR A 169 -2.16 -30.03 18.38
N GLY A 170 -2.79 -30.03 19.56
CA GLY A 170 -2.09 -30.22 20.82
C GLY A 170 -1.33 -29.01 21.31
N LYS A 171 -1.48 -27.86 20.64
CA LYS A 171 -0.65 -26.67 20.80
C LYS A 171 -1.55 -25.44 20.74
N PRO A 172 -1.36 -24.47 21.63
CA PRO A 172 -2.08 -23.21 21.48
C PRO A 172 -1.51 -22.41 20.34
N PRO A 173 -2.31 -21.55 19.69
CA PRO A 173 -1.82 -20.84 18.51
C PRO A 173 -0.88 -19.71 18.88
N VAL A 174 0.05 -19.44 17.97
CA VAL A 174 1.07 -18.42 18.22
C VAL A 174 0.47 -17.04 17.96
N ARG A 175 0.69 -16.12 18.90
CA ARG A 175 0.30 -14.72 18.74
C ARG A 175 1.52 -13.96 18.28
N ASN A 176 1.75 -13.96 16.97
CA ASN A 176 2.89 -13.26 16.39
C ASN A 176 2.47 -11.84 16.03
N PRO A 177 2.92 -10.82 16.77
CA PRO A 177 2.43 -9.45 16.51
C PRO A 177 2.62 -8.97 15.08
N ALA A 178 3.62 -9.49 14.36
CA ALA A 178 3.83 -9.07 12.98
C ALA A 178 2.62 -9.39 12.11
N TYR A 179 1.88 -10.45 12.45
CA TYR A 179 0.70 -10.85 11.70
C TYR A 179 -0.60 -10.53 12.43
N GLU A 180 -0.55 -9.59 13.36
CA GLU A 180 -1.74 -9.05 14.02
C GLU A 180 -1.73 -7.54 13.83
N ARG A 181 -1.88 -7.12 12.58
CA ARG A 181 -1.84 -5.72 12.23
C ARG A 181 -3.17 -5.03 12.53
N ASP A 182 -3.11 -3.72 12.72
CA ASP A 182 -4.33 -2.93 12.71
C ASP A 182 -4.82 -2.75 11.28
N TRP A 183 -6.13 -2.90 11.09
CA TRP A 183 -6.76 -2.74 9.80
C TRP A 183 -7.62 -1.48 9.74
N TYR A 184 -7.73 -0.92 8.55
CA TYR A 184 -8.56 0.25 8.31
C TYR A 184 -9.32 0.05 7.03
N ILE A 185 -10.60 0.43 7.04
CA ILE A 185 -11.50 0.24 5.91
C ILE A 185 -12.18 1.57 5.61
N ALA A 186 -12.22 1.95 4.34
CA ALA A 186 -13.13 2.97 3.85
C ALA A 186 -14.06 2.33 2.81
N ARG A 187 -15.28 2.87 2.71
CA ARG A 187 -16.30 2.27 1.86
C ARG A 187 -17.03 3.32 1.04
N GLN A 188 -17.61 2.86 -0.06
CA GLN A 188 -18.52 3.64 -0.90
C GLN A 188 -19.93 3.58 -0.29
N GLY A 189 -20.86 4.33 -0.88
CA GLY A 189 -22.19 4.45 -0.29
C GLY A 189 -22.97 3.15 -0.25
N ASP A 190 -22.69 2.24 -1.17
CA ASP A 190 -23.37 0.95 -1.22
C ASP A 190 -22.70 -0.10 -0.37
N GLY A 191 -21.66 0.27 0.38
CA GLY A 191 -20.99 -0.62 1.30
C GLY A 191 -19.77 -1.33 0.74
N ARG A 192 -19.48 -1.18 -0.55
CA ARG A 192 -18.30 -1.82 -1.13
C ARG A 192 -17.03 -1.23 -0.52
N ILE A 193 -16.04 -2.09 -0.24
CA ILE A 193 -14.76 -1.63 0.26
C ILE A 193 -14.03 -0.87 -0.85
N SER A 194 -13.59 0.35 -0.56
CA SER A 194 -12.85 1.15 -1.53
C SER A 194 -11.40 1.43 -1.13
N SER A 195 -11.05 1.26 0.15
CA SER A 195 -9.67 1.35 0.64
C SER A 195 -9.48 0.30 1.73
N PHE A 196 -8.32 -0.36 1.74
CA PHE A 196 -8.00 -1.33 2.80
C PHE A 196 -6.53 -1.12 3.20
N ILE A 197 -6.27 -0.88 4.48
CA ILE A 197 -4.93 -0.52 4.95
C ILE A 197 -4.61 -1.38 6.16
N LYS A 198 -3.47 -2.07 6.11
CA LYS A 198 -2.93 -2.79 7.23
C LYS A 198 -1.68 -2.08 7.73
N CYS A 199 -1.59 -1.87 9.04
CA CYS A 199 -0.47 -1.17 9.67
C CYS A 199 0.10 -2.02 10.79
N ASP A 200 1.43 -1.93 10.98
CA ASP A 200 2.05 -2.47 12.19
C ASP A 200 1.37 -1.89 13.43
N GLY A 201 1.04 -2.76 14.37
CA GLY A 201 0.47 -2.30 15.61
C GLY A 201 1.48 -1.57 16.46
N GLU A 202 0.98 -0.78 17.42
CA GLU A 202 1.90 -0.11 18.32
C GLU A 202 2.62 -1.08 19.24
N GLU A 203 2.17 -2.33 19.31
CA GLU A 203 2.89 -3.37 20.03
C GLU A 203 4.05 -3.92 19.21
N PHE A 204 3.92 -3.88 17.88
CA PHE A 204 4.97 -4.41 17.01
C PHE A 204 6.06 -3.38 16.75
N ARG A 205 5.69 -2.12 16.52
CA ARG A 205 6.64 -1.12 16.03
C ARG A 205 6.19 0.27 16.46
N ARG A 206 7.16 1.09 16.90
CA ARG A 206 6.94 2.51 17.09
C ARG A 206 7.01 3.22 15.73
N ASP A 207 6.72 4.52 15.73
CA ASP A 207 6.69 5.25 14.46
C ASP A 207 8.09 5.35 13.84
N GLY A 208 9.12 5.52 14.68
CA GLY A 208 10.49 5.51 14.20
C GLY A 208 10.91 6.75 13.46
N VAL A 209 9.98 7.65 13.16
CA VAL A 209 10.26 8.98 12.64
C VAL A 209 9.26 9.94 13.29
N ARG A 210 9.51 11.23 13.08
CA ARG A 210 8.55 12.27 13.43
C ARG A 210 8.58 13.35 12.37
N LEU A 211 7.48 14.10 12.32
CA LEU A 211 7.25 15.09 11.28
C LEU A 211 6.91 16.44 11.89
N GLU A 212 7.47 17.50 11.32
CA GLU A 212 6.93 18.83 11.52
C GLU A 212 7.07 19.59 10.21
N GLY A 213 5.94 19.93 9.61
CA GLY A 213 5.96 20.58 8.31
C GLY A 213 6.33 19.61 7.21
N ARG A 214 7.30 20.01 6.39
CA ARG A 214 7.74 19.27 5.22
C ARG A 214 8.79 18.21 5.52
N GLU A 215 9.34 18.24 6.74
N GLU A 215 9.43 18.25 6.68
CA GLU A 215 10.54 17.49 7.09
CA GLU A 215 10.60 17.41 6.87
C GLU A 215 10.19 16.22 7.85
C GLU A 215 10.33 16.29 7.87
N VAL A 216 10.93 15.15 7.56
CA VAL A 216 10.86 13.92 8.36
C VAL A 216 12.28 13.56 8.77
N ILE A 217 12.52 13.46 10.07
CA ILE A 217 13.81 13.01 10.57
C ILE A 217 13.57 11.80 11.44
N SER A 218 14.47 10.83 11.33
CA SER A 218 14.28 9.50 11.85
C SER A 218 14.76 9.38 13.28
N GLU A 219 14.37 8.27 13.90
CA GLU A 219 14.83 7.92 15.23
C GLU A 219 15.74 6.72 15.10
N PRO A 220 17.05 6.86 15.34
CA PRO A 220 17.97 5.77 15.08
C PRO A 220 17.79 4.64 16.08
N GLY A 221 18.16 3.44 15.65
CA GLY A 221 17.86 2.24 16.41
C GLY A 221 16.38 1.88 16.47
N GLU A 222 15.53 2.65 15.82
CA GLU A 222 14.09 2.38 15.77
C GLU A 222 13.74 1.95 14.34
N VAL A 223 13.04 0.82 14.22
CA VAL A 223 12.52 0.37 12.93
C VAL A 223 11.19 1.06 12.71
N ALA A 224 11.10 1.84 11.63
CA ALA A 224 9.88 2.57 11.36
C ALA A 224 8.71 1.62 11.13
N ALA A 225 7.60 1.91 11.79
CA ALA A 225 6.36 1.18 11.54
C ALA A 225 5.90 1.40 10.10
N GLY A 226 5.40 0.33 9.48
CA GLY A 226 4.98 0.37 8.10
C GLY A 226 3.52 0.01 7.97
N CYS A 227 2.89 0.55 6.92
CA CYS A 227 1.56 0.14 6.51
C CYS A 227 1.62 -0.32 5.07
N VAL A 228 0.68 -1.18 4.69
CA VAL A 228 0.40 -1.39 3.28
C VAL A 228 -1.03 -0.96 3.04
N HIS A 229 -1.25 -0.30 1.89
CA HIS A 229 -2.49 0.41 1.61
C HIS A 229 -2.98 0.01 0.22
N TYR A 230 -4.18 -0.57 0.12
CA TYR A 230 -4.70 -1.08 -1.14
C TYR A 230 -5.91 -0.29 -1.62
N PHE A 231 -5.97 -0.04 -2.93
CA PHE A 231 -7.21 0.37 -3.56
C PHE A 231 -7.18 -0.10 -5.01
N VAL A 232 -8.30 0.09 -5.71
CA VAL A 232 -8.43 -0.36 -7.09
C VAL A 232 -9.01 0.74 -7.96
N ASP A 233 -8.80 0.58 -9.26
CA ASP A 233 -9.42 1.38 -10.32
C ASP A 233 -10.25 0.38 -11.12
N ILE A 234 -11.55 0.31 -10.85
CA ILE A 234 -12.30 -0.79 -11.46
C ILE A 234 -12.40 -0.60 -12.97
N ASP A 235 -12.48 0.65 -13.45
CA ASP A 235 -12.66 0.90 -14.87
C ASP A 235 -11.40 0.57 -15.69
N ASN A 236 -10.21 0.77 -15.13
CA ASN A 236 -8.97 0.37 -15.81
C ASN A 236 -8.49 -1.02 -15.40
N LYS A 237 -9.23 -1.67 -14.49
CA LYS A 237 -8.88 -2.98 -13.93
C LYS A 237 -7.47 -2.98 -13.33
N LEU A 238 -7.19 -1.98 -12.49
CA LEU A 238 -5.90 -1.82 -11.83
C LEU A 238 -6.03 -2.05 -10.33
N SER A 239 -5.06 -2.73 -9.75
CA SER A 239 -4.84 -2.68 -8.32
C SER A 239 -3.69 -1.73 -8.01
N VAL A 240 -3.79 -1.05 -6.87
CA VAL A 240 -2.76 -0.13 -6.40
C VAL A 240 -2.39 -0.53 -4.98
N SER A 241 -1.10 -0.76 -4.75
CA SER A 241 -0.57 -1.10 -3.44
C SER A 241 0.49 -0.07 -3.06
N LEU A 242 0.27 0.66 -1.97
CA LEU A 242 1.28 1.58 -1.45
C LEU A 242 1.93 0.98 -0.22
N ASP A 243 3.23 1.22 -0.05
CA ASP A 243 3.97 0.82 1.14
C ASP A 243 4.57 2.09 1.72
N TYR A 244 4.20 2.43 2.94
CA TYR A 244 4.69 3.69 3.50
C TYR A 244 4.74 3.62 5.02
N LYS A 245 5.44 4.59 5.61
CA LYS A 245 5.57 4.61 7.06
C LYS A 245 4.23 4.94 7.71
N ARG A 246 3.94 4.25 8.80
CA ARG A 246 2.69 4.50 9.53
C ARG A 246 2.56 5.96 9.97
N ALA A 247 3.68 6.68 10.10
CA ALA A 247 3.61 8.11 10.45
C ALA A 247 2.90 8.92 9.40
N PHE A 248 2.82 8.42 8.16
CA PHE A 248 2.17 9.11 7.04
C PHE A 248 0.68 8.76 6.92
N LEU A 249 0.17 7.91 7.80
CA LEU A 249 -1.19 7.38 7.61
C LEU A 249 -2.23 8.50 7.50
N LYS A 250 -2.08 9.57 8.29
CA LYS A 250 -3.07 10.66 8.29
C LYS A 250 -3.31 11.24 6.90
N ASP A 251 -2.39 11.06 5.96
CA ASP A 251 -2.53 11.62 4.62
C ASP A 251 -2.92 10.57 3.58
N TRP A 252 -3.53 9.46 4.00
CA TRP A 252 -3.83 8.37 3.08
C TRP A 252 -4.70 8.85 1.91
N LYS A 253 -5.61 9.80 2.15
CA LYS A 253 -6.53 10.21 1.10
C LYS A 253 -5.84 11.04 0.02
N ARG A 254 -4.93 11.93 0.41
CA ARG A 254 -4.17 12.69 -0.57
C ARG A 254 -3.31 11.78 -1.43
N MET A 255 -2.80 10.69 -0.85
CA MET A 255 -2.06 9.69 -1.63
C MET A 255 -2.94 9.08 -2.70
N GLU A 256 -4.12 8.58 -2.30
CA GLU A 256 -5.05 8.07 -3.30
C GLU A 256 -5.33 9.11 -4.37
N GLU A 257 -5.54 10.36 -3.94
CA GLU A 257 -5.93 11.41 -4.89
C GLU A 257 -4.82 11.67 -5.89
N ALA A 258 -3.58 11.69 -5.42
CA ALA A 258 -2.45 11.93 -6.31
C ALA A 258 -2.32 10.79 -7.32
N VAL A 259 -2.52 9.54 -6.88
CA VAL A 259 -2.33 8.41 -7.79
C VAL A 259 -3.49 8.34 -8.80
N ARG A 260 -4.73 8.52 -8.33
CA ARG A 260 -5.85 8.51 -9.26
C ARG A 260 -5.75 9.65 -10.29
N ASP A 261 -5.20 10.80 -9.91
CA ASP A 261 -4.98 11.88 -10.87
C ASP A 261 -3.97 11.47 -11.95
N VAL A 262 -2.87 10.84 -11.53
CA VAL A 262 -1.91 10.32 -12.50
C VAL A 262 -2.59 9.36 -13.46
N ILE A 263 -3.32 8.39 -12.91
CA ILE A 263 -4.04 7.42 -13.72
C ILE A 263 -4.99 8.12 -14.69
N ALA A 264 -5.72 9.11 -14.19
CA ALA A 264 -6.68 9.84 -15.03
C ALA A 264 -5.97 10.62 -16.14
N ARG A 265 -4.92 11.36 -15.79
CA ARG A 265 -4.32 12.32 -16.71
C ARG A 265 -3.42 11.65 -17.75
N THR A 266 -2.73 10.57 -17.39
CA THR A 266 -1.76 9.97 -18.30
C THR A 266 -2.36 8.93 -19.23
N ARG A 267 -3.56 8.40 -18.95
CA ARG A 267 -4.12 7.39 -19.83
C ARG A 267 -4.32 7.98 -21.23
N SER A 268 -3.84 7.25 -22.24
CA SER A 268 -3.94 7.69 -23.62
C SER A 268 -5.37 7.45 -24.11
N LYS A 269 -6.11 8.54 -24.33
CA LYS A 269 -7.52 8.47 -24.74
C LYS A 269 -7.67 7.74 -26.08
#